data_7TA2
#
_entry.id   7TA2
#
_cell.length_a   28.984
_cell.length_b   46.522
_cell.length_c   167.670
_cell.angle_alpha   90.000
_cell.angle_beta   90.000
_cell.angle_gamma   90.000
#
_symmetry.space_group_name_H-M   'P 21 21 21'
#
loop_
_entity.id
_entity.type
_entity.pdbx_description
1 polymer 'Sperm acrosome membrane-associated protein 6'
2 non-polymer 'BROMIDE ION'
3 water water
#
_entity_poly.entity_id   1
_entity_poly.type   'polypeptide(L)'
_entity_poly.pdbx_seq_one_letter_code
;CLLCFTTYSERLRICQMFVGMRSPKLEECEEAFTAAFQGLSDTEINYDERSHLHDTFTQMTHALQELAAAQGSFEVAFPD
AAEKMKKVITQLKEAQACIPPCGLQEFARRFLCSGCYSRVCDLPLDCPVQDVTVTRGDQAMFSCIVNFQLPKEEITYSWK
FAGGGLRTQDLSYFRDMPRAEGYLARIRPAQLTHRGTFSCVIKQDQRPLARLYFFLNVTGLVPRGSHHHHHHHHHH
;
_entity_poly.pdbx_strand_id   A
#
# COMPACT_ATOMS: atom_id res chain seq x y z
N CYS A 1 -2.37 -16.52 -7.47
CA CYS A 1 -1.04 -15.95 -7.50
C CYS A 1 -0.12 -16.69 -8.48
N LEU A 2 -0.59 -17.83 -8.99
CA LEU A 2 0.20 -18.57 -9.97
C LEU A 2 0.56 -17.68 -11.15
N LEU A 3 -0.42 -16.97 -11.70
CA LEU A 3 -0.16 -16.14 -12.87
C LEU A 3 0.80 -15.00 -12.55
N CYS A 4 0.83 -14.54 -11.29
CA CYS A 4 1.64 -13.38 -10.94
C CYS A 4 3.10 -13.74 -10.75
N PHE A 5 3.40 -14.95 -10.27
CA PHE A 5 4.75 -15.32 -9.87
C PHE A 5 5.32 -16.46 -10.69
N THR A 6 4.65 -16.90 -11.75
CA THR A 6 5.22 -17.80 -12.73
C THR A 6 4.85 -17.27 -14.11
N THR A 7 5.73 -17.52 -15.08
CA THR A 7 5.50 -17.08 -16.44
C THR A 7 4.85 -18.19 -17.26
N TYR A 8 4.32 -17.81 -18.42
CA TYR A 8 3.71 -18.80 -19.31
C TYR A 8 4.74 -19.80 -19.81
N SER A 9 5.97 -19.35 -20.07
CA SER A 9 7.00 -20.25 -20.57
C SER A 9 7.37 -21.29 -19.51
N GLU A 10 7.51 -20.86 -18.25
CA GLU A 10 7.80 -21.79 -17.16
C GLU A 10 6.72 -22.87 -17.06
N ARG A 11 5.45 -22.46 -17.08
CA ARG A 11 4.35 -23.40 -16.94
C ARG A 11 4.27 -24.34 -18.14
N LEU A 12 4.49 -23.81 -19.35
CA LEU A 12 4.51 -24.67 -20.52
C LEU A 12 5.63 -25.69 -20.43
N ARG A 13 6.82 -25.26 -20.00
CA ARG A 13 7.95 -26.18 -19.87
C ARG A 13 7.62 -27.28 -18.87
N ILE A 14 6.99 -26.93 -17.75
CA ILE A 14 6.60 -27.94 -16.78
C ILE A 14 5.65 -28.95 -17.41
N CYS A 15 4.59 -28.45 -18.06
CA CYS A 15 3.60 -29.36 -18.64
C CYS A 15 4.21 -30.23 -19.73
N GLN A 16 5.15 -29.69 -20.50
CA GLN A 16 5.83 -30.49 -21.51
C GLN A 16 6.64 -31.60 -20.87
N MET A 17 7.37 -31.29 -19.80
CA MET A 17 8.08 -32.33 -19.08
C MET A 17 7.11 -33.39 -18.56
N PHE A 18 5.88 -33.00 -18.25
CA PHE A 18 4.88 -33.99 -17.81
C PHE A 18 4.45 -34.89 -18.96
N VAL A 19 3.80 -34.32 -19.98
CA VAL A 19 3.14 -35.11 -21.01
C VAL A 19 4.03 -35.32 -22.23
N GLY A 20 4.78 -34.30 -22.63
CA GLY A 20 5.62 -34.37 -23.81
C GLY A 20 5.69 -33.04 -24.52
N MET A 21 6.71 -32.88 -25.36
CA MET A 21 6.93 -31.61 -26.05
C MET A 21 5.69 -31.22 -26.86
N ARG A 22 5.18 -32.14 -27.68
CA ARG A 22 4.05 -31.87 -28.56
C ARG A 22 2.99 -32.96 -28.40
N SER A 23 2.53 -33.15 -27.16
CA SER A 23 1.50 -34.15 -26.90
C SER A 23 0.11 -33.52 -26.99
N PRO A 24 -0.89 -34.33 -27.35
CA PRO A 24 -2.27 -33.80 -27.37
C PRO A 24 -2.80 -33.45 -25.99
N LYS A 25 -2.30 -34.12 -24.94
CA LYS A 25 -2.70 -33.76 -23.59
C LYS A 25 -2.12 -32.43 -23.13
N LEU A 26 -1.14 -31.89 -23.87
CA LEU A 26 -0.43 -30.69 -23.43
C LEU A 26 -1.39 -29.55 -23.10
N GLU A 27 -2.55 -29.51 -23.74
CA GLU A 27 -3.52 -28.45 -23.43
C GLU A 27 -4.21 -28.73 -22.10
N GLU A 28 -4.78 -29.93 -21.93
CA GLU A 28 -5.45 -30.25 -20.68
C GLU A 28 -4.53 -30.01 -19.50
N CYS A 29 -3.27 -30.45 -19.60
CA CYS A 29 -2.29 -30.18 -18.56
C CYS A 29 -2.34 -28.72 -18.13
N GLU A 30 -2.25 -27.80 -19.09
CA GLU A 30 -2.31 -26.37 -18.78
C GLU A 30 -3.48 -26.08 -17.85
N GLU A 31 -4.69 -26.49 -18.27
CA GLU A 31 -5.89 -26.14 -17.52
C GLU A 31 -5.99 -26.91 -16.21
N ALA A 32 -5.25 -28.01 -16.06
CA ALA A 32 -5.13 -28.63 -14.74
C ALA A 32 -4.26 -27.78 -13.84
N PHE A 33 -3.19 -27.20 -14.37
CA PHE A 33 -2.28 -26.35 -13.62
C PHE A 33 -3.04 -25.14 -13.09
N THR A 34 -3.47 -24.26 -13.99
CA THR A 34 -4.11 -23.01 -13.58
C THR A 34 -5.32 -23.28 -12.71
N ALA A 35 -6.20 -24.20 -13.14
CA ALA A 35 -7.37 -24.52 -12.35
C ALA A 35 -6.98 -24.96 -10.94
N ALA A 36 -5.88 -25.71 -10.81
CA ALA A 36 -5.46 -26.17 -9.49
C ALA A 36 -5.18 -25.02 -8.55
N PHE A 37 -4.81 -23.86 -9.09
CA PHE A 37 -4.55 -22.67 -8.27
C PHE A 37 -5.70 -21.67 -8.31
N GLN A 38 -6.85 -22.06 -8.86
CA GLN A 38 -7.96 -21.12 -9.01
C GLN A 38 -8.31 -20.46 -7.69
N GLY A 39 -8.28 -21.22 -6.59
CA GLY A 39 -8.65 -20.65 -5.31
C GLY A 39 -7.73 -19.54 -4.85
N LEU A 40 -6.46 -19.60 -5.23
CA LEU A 40 -5.49 -18.58 -4.88
C LEU A 40 -5.43 -17.43 -5.88
N SER A 41 -6.40 -17.35 -6.79
CA SER A 41 -6.34 -16.33 -7.83
C SER A 41 -6.74 -14.95 -7.34
N ASP A 42 -7.38 -14.85 -6.16
CA ASP A 42 -7.86 -13.57 -5.65
C ASP A 42 -7.34 -13.29 -4.24
N THR A 43 -6.24 -13.92 -3.84
CA THR A 43 -5.68 -13.62 -2.53
C THR A 43 -5.00 -12.25 -2.55
N GLU A 44 -4.96 -11.61 -1.39
CA GLU A 44 -4.21 -10.38 -1.18
C GLU A 44 -3.15 -10.65 -0.13
N ILE A 45 -1.90 -10.30 -0.43
CA ILE A 45 -0.80 -10.54 0.49
C ILE A 45 -0.17 -9.21 0.89
N ASN A 46 0.62 -9.26 1.96
CA ASN A 46 1.41 -8.12 2.36
C ASN A 46 2.41 -7.77 1.26
N TYR A 47 2.36 -6.52 0.79
CA TYR A 47 3.28 -6.06 -0.24
C TYR A 47 4.72 -6.45 0.10
N ASP A 48 5.12 -6.23 1.35
CA ASP A 48 6.49 -6.53 1.76
C ASP A 48 6.85 -8.00 1.65
N GLU A 49 5.89 -8.88 1.40
CA GLU A 49 6.17 -10.31 1.25
C GLU A 49 6.24 -10.76 -0.20
N ARG A 50 5.93 -9.89 -1.16
CA ARG A 50 5.81 -10.34 -2.55
C ARG A 50 7.06 -11.10 -2.97
N SER A 51 8.24 -10.49 -2.80
CA SER A 51 9.48 -11.14 -3.16
C SER A 51 9.55 -12.54 -2.57
N HIS A 52 9.36 -12.65 -1.25
CA HIS A 52 9.39 -13.96 -0.61
C HIS A 52 8.50 -14.92 -1.38
N LEU A 53 7.22 -14.56 -1.55
CA LEU A 53 6.30 -15.46 -2.21
C LEU A 53 6.82 -15.83 -3.60
N HIS A 54 7.29 -14.85 -4.36
CA HIS A 54 7.78 -15.14 -5.69
C HIS A 54 8.89 -16.17 -5.63
N ASP A 55 9.86 -15.98 -4.72
CA ASP A 55 10.93 -16.95 -4.58
C ASP A 55 10.35 -18.34 -4.33
N THR A 56 9.38 -18.42 -3.43
CA THR A 56 8.75 -19.71 -3.15
C THR A 56 8.20 -20.32 -4.43
N PHE A 57 7.49 -19.52 -5.22
CA PHE A 57 6.94 -20.05 -6.47
C PHE A 57 8.05 -20.58 -7.36
N THR A 58 9.18 -19.87 -7.42
CA THR A 58 10.32 -20.38 -8.17
C THR A 58 10.67 -21.78 -7.70
N GLN A 59 10.86 -21.94 -6.39
CA GLN A 59 11.10 -23.27 -5.85
C GLN A 59 10.06 -24.24 -6.37
N MET A 60 8.77 -23.86 -6.26
CA MET A 60 7.70 -24.74 -6.69
C MET A 60 7.95 -25.25 -8.11
N THR A 61 8.28 -24.35 -9.03
CA THR A 61 8.47 -24.77 -10.41
C THR A 61 9.48 -25.91 -10.47
N HIS A 62 10.66 -25.71 -9.85
CA HIS A 62 11.65 -26.77 -9.85
C HIS A 62 11.08 -28.06 -9.27
N ALA A 63 10.38 -27.95 -8.14
CA ALA A 63 9.79 -29.13 -7.52
C ALA A 63 8.89 -29.86 -8.50
N LEU A 64 8.11 -29.11 -9.29
CA LEU A 64 7.27 -29.77 -10.29
C LEU A 64 8.12 -30.42 -11.38
N GLN A 65 9.14 -29.71 -11.86
CA GLN A 65 9.99 -30.25 -12.91
C GLN A 65 10.48 -31.65 -12.55
N GLU A 66 11.19 -31.77 -11.43
CA GLU A 66 11.65 -33.06 -10.97
C GLU A 66 10.50 -34.06 -10.92
N LEU A 67 9.37 -33.66 -10.33
CA LEU A 67 8.22 -34.55 -10.25
C LEU A 67 7.83 -35.07 -11.63
N ALA A 68 7.83 -34.18 -12.63
CA ALA A 68 7.52 -34.61 -13.98
C ALA A 68 8.62 -35.51 -14.55
N ALA A 69 9.89 -35.17 -14.28
CA ALA A 69 10.99 -35.97 -14.78
C ALA A 69 10.97 -37.38 -14.21
N ALA A 70 10.36 -37.58 -13.04
CA ALA A 70 10.25 -38.89 -12.41
C ALA A 70 8.86 -39.48 -12.64
N GLN A 71 8.43 -39.50 -13.88
CA GLN A 71 7.07 -39.91 -14.26
C GLN A 71 6.10 -38.99 -13.56
N GLY A 72 5.16 -39.51 -12.78
CA GLY A 72 4.27 -38.71 -11.98
C GLY A 72 3.19 -38.02 -12.76
N SER A 73 1.97 -38.03 -12.24
CA SER A 73 0.82 -37.44 -12.92
C SER A 73 0.72 -35.96 -12.58
N PHE A 74 0.39 -35.15 -13.60
CA PHE A 74 0.13 -33.74 -13.34
C PHE A 74 -1.17 -33.55 -12.59
N GLU A 75 -2.15 -34.45 -12.82
CA GLU A 75 -3.46 -34.33 -12.20
C GLU A 75 -3.37 -34.30 -10.68
N VAL A 76 -2.37 -34.98 -10.10
CA VAL A 76 -2.21 -35.01 -8.66
C VAL A 76 -1.15 -34.00 -8.25
N ALA A 77 -0.18 -33.75 -9.14
CA ALA A 77 0.92 -32.87 -8.80
C ALA A 77 0.46 -31.44 -8.60
N PHE A 78 -0.51 -30.98 -9.39
CA PHE A 78 -0.87 -29.56 -9.35
C PHE A 78 -1.74 -29.22 -8.15
N PRO A 79 -2.76 -30.02 -7.80
CA PRO A 79 -3.50 -29.75 -6.55
C PRO A 79 -2.61 -29.82 -5.32
N ASP A 80 -1.64 -30.75 -5.33
CA ASP A 80 -0.72 -30.88 -4.21
C ASP A 80 0.09 -29.60 -4.00
N ALA A 81 0.76 -29.14 -5.06
CA ALA A 81 1.52 -27.90 -4.97
C ALA A 81 0.62 -26.72 -4.64
N ALA A 82 -0.63 -26.73 -5.14
CA ALA A 82 -1.55 -25.65 -4.82
C ALA A 82 -1.81 -25.58 -3.31
N GLU A 83 -2.02 -26.73 -2.67
CA GLU A 83 -2.27 -26.73 -1.23
C GLU A 83 -1.01 -26.33 -0.45
N LYS A 84 0.15 -26.85 -0.87
CA LYS A 84 1.41 -26.41 -0.27
C LYS A 84 1.53 -24.89 -0.31
N MET A 85 1.30 -24.30 -1.48
CA MET A 85 1.40 -22.85 -1.62
C MET A 85 0.34 -22.14 -0.80
N LYS A 86 -0.86 -22.73 -0.70
CA LYS A 86 -1.90 -22.14 0.14
C LYS A 86 -1.43 -21.99 1.58
N LYS A 87 -0.76 -23.03 2.10
CA LYS A 87 -0.25 -22.94 3.46
C LYS A 87 0.88 -21.92 3.57
N VAL A 88 1.82 -21.95 2.62
CA VAL A 88 2.86 -20.92 2.58
C VAL A 88 2.23 -19.54 2.72
N ILE A 89 1.20 -19.28 1.90
CA ILE A 89 0.56 -17.96 1.89
C ILE A 89 -0.05 -17.66 3.25
N THR A 90 -0.75 -18.64 3.85
CA THR A 90 -1.36 -18.40 5.15
C THR A 90 -0.33 -18.07 6.21
N GLN A 91 0.92 -18.49 6.04
CA GLN A 91 1.94 -18.20 7.04
C GLN A 91 2.71 -16.91 6.79
N LEU A 92 2.40 -16.16 5.74
CA LEU A 92 3.10 -14.91 5.49
C LEU A 92 2.67 -13.82 6.49
N LYS A 93 3.57 -12.85 6.68
CA LYS A 93 3.30 -11.74 7.59
C LYS A 93 2.27 -10.79 6.99
N GLU A 94 1.34 -10.33 7.83
CA GLU A 94 0.29 -9.45 7.36
C GLU A 94 0.76 -8.00 7.30
N ALA A 95 0.23 -7.26 6.33
CA ALA A 95 0.41 -5.83 6.30
C ALA A 95 -0.40 -5.18 7.41
N GLN A 96 -0.09 -3.93 7.70
CA GLN A 96 -0.85 -3.19 8.71
C GLN A 96 -2.25 -2.89 8.20
N ALA A 97 -3.20 -2.84 9.13
CA ALA A 97 -4.56 -2.48 8.79
C ALA A 97 -4.64 -1.03 8.35
N CYS A 98 -5.61 -0.75 7.48
CA CYS A 98 -5.91 0.63 7.11
C CYS A 98 -6.54 1.36 8.28
N ILE A 99 -6.10 2.58 8.52
CA ILE A 99 -6.56 3.39 9.65
C ILE A 99 -7.24 4.63 9.09
N PRO A 100 -8.52 4.88 9.38
CA PRO A 100 -9.19 6.06 8.84
C PRO A 100 -8.77 7.31 9.58
N PRO A 101 -8.99 8.50 9.00
CA PRO A 101 -9.80 8.72 7.80
C PRO A 101 -9.05 9.16 6.53
N CYS A 102 -7.72 9.29 6.61
CA CYS A 102 -7.00 9.90 5.51
C CYS A 102 -5.61 9.31 5.37
N GLY A 103 -4.99 9.57 4.23
CA GLY A 103 -3.56 9.39 4.10
C GLY A 103 -3.19 8.26 3.17
N LEU A 104 -1.98 8.37 2.60
CA LEU A 104 -1.38 7.30 1.81
C LEU A 104 -0.56 6.44 2.77
N GLN A 105 -1.03 5.22 3.03
CA GLN A 105 -0.52 4.39 4.13
C GLN A 105 0.31 3.24 3.58
N GLU A 106 1.61 3.50 3.38
CA GLU A 106 2.49 2.55 2.69
C GLU A 106 2.62 1.23 3.43
N PHE A 107 2.58 1.24 4.76
CA PHE A 107 2.73 0.00 5.51
C PHE A 107 1.46 -0.85 5.50
N ALA A 108 0.38 -0.36 4.89
CA ALA A 108 -0.81 -1.16 4.65
C ALA A 108 -0.89 -1.64 3.20
N ARG A 109 0.13 -1.34 2.39
CA ARG A 109 0.08 -1.72 0.98
C ARG A 109 -0.01 -3.23 0.83
N ARG A 110 -0.86 -3.67 -0.08
CA ARG A 110 -1.08 -5.09 -0.33
C ARG A 110 -0.89 -5.38 -1.81
N PHE A 111 -0.48 -6.60 -2.10
CA PHE A 111 -0.35 -7.11 -3.46
C PHE A 111 -1.55 -7.99 -3.77
N LEU A 112 -2.31 -7.61 -4.79
CA LEU A 112 -3.47 -8.34 -5.26
C LEU A 112 -3.04 -9.28 -6.38
N CYS A 113 -3.22 -10.59 -6.16
CA CYS A 113 -2.88 -11.59 -7.14
C CYS A 113 -3.86 -11.60 -8.31
N SER A 114 -5.08 -11.15 -8.10
CA SER A 114 -6.05 -10.96 -9.19
C SER A 114 -5.77 -9.60 -9.82
N GLY A 115 -5.04 -9.59 -10.93
CA GLY A 115 -4.51 -8.39 -11.53
C GLY A 115 -3.03 -8.22 -11.34
N CYS A 116 -2.45 -8.86 -10.33
CA CYS A 116 -1.02 -8.80 -10.06
C CYS A 116 -0.54 -7.36 -9.96
N TYR A 117 -1.09 -6.65 -8.97
CA TYR A 117 -0.67 -5.26 -8.77
C TYR A 117 -0.87 -4.89 -7.31
N SER A 118 -0.22 -3.83 -6.88
CA SER A 118 -0.28 -3.40 -5.49
C SER A 118 -1.32 -2.30 -5.31
N ARG A 119 -1.65 -2.04 -4.05
CA ARG A 119 -2.76 -1.16 -3.70
C ARG A 119 -2.64 -0.75 -2.25
N VAL A 120 -2.82 0.55 -1.98
CA VAL A 120 -2.94 1.03 -0.61
C VAL A 120 -4.42 1.29 -0.32
N CYS A 121 -4.72 1.71 0.90
CA CYS A 121 -6.10 2.04 1.26
C CYS A 121 -6.63 3.15 0.36
N ASP A 122 -7.89 3.03 -0.03
CA ASP A 122 -8.55 4.06 -0.82
C ASP A 122 -9.12 5.12 0.12
N LEU A 123 -8.21 5.93 0.66
CA LEU A 123 -8.53 7.02 1.57
C LEU A 123 -8.16 8.36 0.94
N PRO A 124 -8.84 9.44 1.31
CA PRO A 124 -8.45 10.75 0.80
C PRO A 124 -7.12 11.21 1.40
N LEU A 125 -6.40 12.02 0.61
CA LEU A 125 -5.18 12.64 1.12
C LEU A 125 -5.49 13.68 2.19
N ASP A 126 -6.57 14.42 2.01
CA ASP A 126 -6.93 15.50 2.93
C ASP A 126 -7.58 14.92 4.17
N CYS A 127 -7.09 15.33 5.33
CA CYS A 127 -7.66 14.93 6.60
C CYS A 127 -8.64 15.98 7.08
N PRO A 128 -9.60 15.59 7.93
CA PRO A 128 -10.58 16.56 8.42
C PRO A 128 -9.92 17.74 9.10
N VAL A 129 -10.61 18.89 9.07
CA VAL A 129 -10.12 20.08 9.74
C VAL A 129 -10.19 19.87 11.25
N GLN A 130 -9.10 20.21 11.94
CA GLN A 130 -9.08 20.22 13.40
C GLN A 130 -9.23 21.67 13.88
N ASP A 131 -10.25 21.91 14.71
CA ASP A 131 -10.50 23.23 15.24
C ASP A 131 -9.62 23.46 16.48
N VAL A 132 -8.84 24.54 16.46
CA VAL A 132 -7.93 24.90 17.55
C VAL A 132 -8.33 26.29 18.01
N THR A 133 -8.81 26.41 19.24
CA THR A 133 -9.28 27.67 19.77
C THR A 133 -8.30 28.18 20.83
N VAL A 134 -7.79 29.40 20.61
CA VAL A 134 -6.90 30.06 21.55
C VAL A 134 -7.42 31.48 21.79
N THR A 135 -6.85 32.14 22.78
CA THR A 135 -7.16 33.54 23.04
C THR A 135 -5.94 34.40 22.68
N ARG A 136 -6.21 35.65 22.30
CA ARG A 136 -5.16 36.61 21.98
C ARG A 136 -3.98 36.51 22.94
N GLY A 137 -2.78 36.66 22.39
CA GLY A 137 -1.56 36.59 23.18
C GLY A 137 -1.16 35.22 23.63
N ASP A 138 -2.03 34.22 23.48
CA ASP A 138 -1.70 32.86 23.86
C ASP A 138 -0.92 32.16 22.73
N GLN A 139 -0.16 31.16 23.11
CA GLN A 139 0.63 30.38 22.16
C GLN A 139 -0.25 29.30 21.54
N ALA A 140 -0.06 29.07 20.24
CA ALA A 140 -0.77 28.02 19.53
C ALA A 140 0.25 27.06 18.91
N MET A 141 -0.07 25.77 18.92
CA MET A 141 0.85 24.76 18.42
C MET A 141 0.06 23.77 17.57
N PHE A 142 0.55 23.52 16.36
CA PHE A 142 -0.06 22.58 15.43
C PHE A 142 0.87 21.40 15.25
N SER A 143 0.37 20.20 15.60
CA SER A 143 1.13 18.97 15.51
C SER A 143 0.72 18.24 14.23
N CYS A 144 1.63 18.21 13.25
CA CYS A 144 1.38 17.52 11.99
C CYS A 144 1.66 16.03 12.18
N ILE A 145 0.73 15.37 12.87
CA ILE A 145 0.87 13.97 13.27
C ILE A 145 -0.30 13.20 12.67
N VAL A 146 0.00 12.03 12.11
CA VAL A 146 -1.01 11.15 11.56
C VAL A 146 -1.08 9.90 12.42
N ASN A 147 -2.16 9.14 12.25
CA ASN A 147 -2.39 7.93 13.03
C ASN A 147 -1.93 6.66 12.31
N PHE A 148 -1.27 6.79 11.16
CA PHE A 148 -0.68 5.65 10.46
C PHE A 148 0.83 5.83 10.37
N GLN A 149 1.51 4.75 9.99
CA GLN A 149 2.97 4.77 9.96
C GLN A 149 3.47 5.44 8.68
N LEU A 150 4.49 6.28 8.84
CA LEU A 150 5.18 6.97 7.76
C LEU A 150 6.48 6.27 7.42
N PRO A 151 6.94 6.35 6.17
CA PRO A 151 8.29 5.86 5.86
C PRO A 151 9.33 6.64 6.64
N LYS A 152 10.50 6.03 6.81
CA LYS A 152 11.59 6.68 7.51
C LYS A 152 12.32 7.71 6.65
N GLU A 153 12.41 7.47 5.35
CA GLU A 153 13.30 8.22 4.48
C GLU A 153 12.55 9.33 3.75
N GLU A 154 13.20 10.49 3.63
CA GLU A 154 12.80 11.54 2.69
C GLU A 154 11.48 12.21 3.08
N ILE A 155 11.16 12.27 4.36
CA ILE A 155 9.90 12.89 4.80
C ILE A 155 10.15 14.37 5.07
N THR A 156 9.29 15.20 4.50
CA THR A 156 9.30 16.64 4.76
C THR A 156 7.89 17.12 5.08
N TYR A 157 7.84 18.28 5.75
CA TYR A 157 6.59 18.92 6.13
C TYR A 157 6.58 20.32 5.53
N SER A 158 5.55 20.61 4.73
CA SER A 158 5.38 21.91 4.10
C SER A 158 4.12 22.57 4.63
N TRP A 159 4.25 23.79 5.13
CA TRP A 159 3.13 24.47 5.76
C TRP A 159 2.56 25.55 4.85
N LYS A 160 1.27 25.80 5.01
CA LYS A 160 0.51 26.77 4.23
C LYS A 160 -0.50 27.43 5.14
N PHE A 161 -1.00 28.60 4.72
CA PHE A 161 -1.92 29.39 5.50
C PHE A 161 -2.96 30.02 4.60
N ALA A 162 -4.24 29.86 4.97
CA ALA A 162 -5.36 30.56 4.36
C ALA A 162 -5.96 31.46 5.43
N GLY A 163 -5.75 32.77 5.30
CA GLY A 163 -6.17 33.72 6.31
C GLY A 163 -7.61 34.17 6.17
N GLY A 164 -7.88 35.39 6.62
CA GLY A 164 -9.21 35.94 6.54
C GLY A 164 -10.26 35.20 7.34
N GLY A 165 -9.84 34.39 8.31
CA GLY A 165 -10.77 33.64 9.12
C GLY A 165 -11.41 32.47 8.43
N LEU A 166 -10.93 32.07 7.26
CA LEU A 166 -11.55 30.97 6.53
C LEU A 166 -11.24 29.64 7.20
N ARG A 167 -12.28 28.83 7.37
CA ARG A 167 -12.16 27.41 7.71
C ARG A 167 -12.31 26.66 6.40
N THR A 168 -11.18 26.25 5.82
CA THR A 168 -11.23 25.75 4.46
C THR A 168 -10.15 24.70 4.22
N GLN A 169 -10.46 23.79 3.30
CA GLN A 169 -9.49 22.86 2.73
C GLN A 169 -9.19 23.18 1.28
N ASP A 170 -9.82 24.20 0.70
CA ASP A 170 -9.66 24.53 -0.70
C ASP A 170 -8.30 25.20 -0.91
N LEU A 171 -7.46 24.58 -1.75
CA LEU A 171 -6.08 25.02 -1.89
C LEU A 171 -5.96 26.41 -2.51
N SER A 172 -6.99 26.88 -3.22
CA SER A 172 -6.91 28.20 -3.84
C SER A 172 -6.85 29.33 -2.83
N TYR A 173 -7.11 29.06 -1.55
CA TYR A 173 -7.08 30.07 -0.50
C TYR A 173 -5.77 30.10 0.26
N PHE A 174 -4.85 29.17 0.00
CA PHE A 174 -3.64 29.03 0.79
C PHE A 174 -2.45 29.65 0.08
N ARG A 175 -1.56 30.23 0.86
CA ARG A 175 -0.22 30.59 0.39
C ARG A 175 0.78 29.80 1.22
N ASP A 176 2.00 29.71 0.70
CA ASP A 176 3.04 28.97 1.42
C ASP A 176 3.49 29.72 2.67
N MET A 177 3.94 28.95 3.66
CA MET A 177 4.44 29.46 4.93
C MET A 177 5.87 28.95 5.10
N PRO A 178 6.84 29.54 4.39
CA PRO A 178 8.20 28.95 4.38
C PRO A 178 8.90 29.01 5.72
N ARG A 179 8.49 29.91 6.62
CA ARG A 179 9.11 29.97 7.95
C ARG A 179 9.02 28.64 8.65
N ALA A 180 7.92 27.92 8.46
CA ALA A 180 7.63 26.71 9.23
C ALA A 180 8.25 25.50 8.54
N GLU A 181 8.98 24.72 9.33
CA GLU A 181 9.50 23.43 8.89
C GLU A 181 9.26 22.42 10.01
N GLY A 182 9.27 21.15 9.65
CA GLY A 182 9.11 20.09 10.62
C GLY A 182 7.66 19.83 10.94
N TYR A 183 7.46 18.87 11.84
CA TYR A 183 6.10 18.41 12.12
C TYR A 183 5.35 19.34 13.07
N LEU A 184 6.03 20.24 13.76
CA LEU A 184 5.43 21.06 14.81
C LEU A 184 5.55 22.53 14.42
N ALA A 185 4.43 23.22 14.34
CA ALA A 185 4.41 24.64 14.03
C ALA A 185 3.89 25.44 15.21
N ARG A 186 4.55 26.55 15.51
CA ARG A 186 4.26 27.35 16.69
C ARG A 186 3.92 28.78 16.28
N ILE A 187 2.82 29.31 16.83
CA ILE A 187 2.48 30.72 16.72
C ILE A 187 2.64 31.31 18.12
N ARG A 188 3.61 32.22 18.26
CA ARG A 188 3.98 32.79 19.55
C ARG A 188 4.23 34.28 19.36
N PRO A 189 3.25 35.14 19.66
CA PRO A 189 1.88 34.87 20.12
C PRO A 189 0.88 34.75 18.98
N ALA A 190 -0.29 34.17 19.27
CA ALA A 190 -1.39 34.18 18.32
C ALA A 190 -2.16 35.49 18.44
N GLN A 191 -2.55 36.04 17.30
CA GLN A 191 -3.32 37.28 17.24
C GLN A 191 -4.45 37.10 16.25
N LEU A 192 -5.27 38.15 16.10
CA LEU A 192 -6.45 38.05 15.25
C LEU A 192 -6.07 37.84 13.78
N THR A 193 -4.93 38.37 13.35
CA THR A 193 -4.53 38.19 11.95
C THR A 193 -4.10 36.77 11.64
N HIS A 194 -3.96 35.90 12.65
CA HIS A 194 -3.69 34.49 12.44
C HIS A 194 -4.96 33.67 12.27
N ARG A 195 -6.14 34.29 12.40
CA ARG A 195 -7.38 33.56 12.19
C ARG A 195 -7.43 33.01 10.78
N GLY A 196 -7.65 31.71 10.67
CA GLY A 196 -7.70 31.05 9.39
C GLY A 196 -7.26 29.61 9.54
N THR A 197 -7.05 28.96 8.41
CA THR A 197 -6.70 27.56 8.38
C THR A 197 -5.21 27.41 8.08
N PHE A 198 -4.51 26.70 8.94
CA PHE A 198 -3.14 26.30 8.69
C PHE A 198 -3.15 24.86 8.18
N SER A 199 -2.36 24.60 7.14
CA SER A 199 -2.28 23.27 6.55
C SER A 199 -0.82 22.78 6.56
N CYS A 200 -0.67 21.48 6.76
CA CYS A 200 0.63 20.81 6.72
C CYS A 200 0.56 19.67 5.73
N VAL A 201 1.44 19.68 4.73
CA VAL A 201 1.54 18.62 3.74
C VAL A 201 2.75 17.77 4.11
N ILE A 202 2.52 16.51 4.40
CA ILE A 202 3.59 15.54 4.61
C ILE A 202 3.93 14.92 3.26
N LYS A 203 5.21 14.96 2.90
CA LYS A 203 5.65 14.45 1.61
C LYS A 203 6.79 13.46 1.80
N GLN A 204 6.77 12.38 1.02
CA GLN A 204 7.93 11.51 0.85
C GLN A 204 8.59 11.92 -0.47
N ASP A 205 9.81 12.45 -0.39
CA ASP A 205 10.46 13.04 -1.56
C ASP A 205 9.54 14.14 -2.09
N GLN A 206 8.87 13.91 -3.21
CA GLN A 206 7.94 14.90 -3.75
C GLN A 206 6.48 14.45 -3.72
N ARG A 207 6.20 13.19 -3.31
CA ARG A 207 4.81 12.74 -3.37
C ARG A 207 4.12 12.98 -2.03
N PRO A 208 2.92 13.55 -2.02
CA PRO A 208 2.22 13.76 -0.75
C PRO A 208 1.67 12.46 -0.18
N LEU A 209 1.80 12.31 1.15
CA LEU A 209 1.19 11.23 1.88
C LEU A 209 -0.03 11.67 2.68
N ALA A 210 -0.11 12.94 3.03
CA ALA A 210 -1.23 13.44 3.82
C ALA A 210 -1.20 14.96 3.81
N ARG A 211 -2.40 15.54 3.87
CA ARG A 211 -2.56 16.98 4.02
C ARG A 211 -3.47 17.21 5.21
N LEU A 212 -2.94 17.86 6.24
CA LEU A 212 -3.67 18.14 7.47
C LEU A 212 -4.07 19.61 7.50
N TYR A 213 -5.14 19.90 8.24
CA TYR A 213 -5.71 21.25 8.28
C TYR A 213 -6.07 21.60 9.72
N PHE A 214 -5.62 22.78 10.15
CA PHE A 214 -5.87 23.29 11.49
C PHE A 214 -6.52 24.66 11.37
N PHE A 215 -7.77 24.76 11.81
CA PHE A 215 -8.47 26.04 11.81
C PHE A 215 -8.22 26.74 13.13
N LEU A 216 -7.44 27.82 13.10
CA LEU A 216 -7.10 28.57 14.30
C LEU A 216 -8.18 29.61 14.55
N ASN A 217 -8.99 29.37 15.57
CA ASN A 217 -9.98 30.34 16.05
C ASN A 217 -9.34 31.12 17.20
N VAL A 218 -8.90 32.33 16.91
CA VAL A 218 -8.36 33.23 17.93
C VAL A 218 -9.52 34.09 18.42
N THR A 219 -9.77 34.05 19.73
CA THR A 219 -10.89 34.75 20.34
C THR A 219 -10.40 36.00 21.05
N GLY A 220 -11.14 37.09 20.87
CA GLY A 220 -10.82 38.34 21.54
C GLY A 220 -11.04 38.29 23.04
#